data_3OLM
#
_entry.id   3OLM
#
_cell.length_a   161.570
_cell.length_b   50.331
_cell.length_c   79.684
_cell.angle_alpha   90.00
_cell.angle_beta   116.72
_cell.angle_gamma   90.00
#
_symmetry.space_group_name_H-M   'C 1 2 1'
#
loop_
_entity.id
_entity.type
_entity.pdbx_description
1 polymer 'E3 ubiquitin-protein ligase RSP5'
2 polymer Ubiquitin
3 water water
#
loop_
_entity_poly.entity_id
_entity_poly.type
_entity_poly.pdbx_seq_one_letter_code
_entity_poly.pdbx_strand_id
1 'polypeptide(L)'
;SNASQLGPLPSGWEMRLTNTARVYFVDHNTKTTTWDDPRLPSSLDQNVPQYKRDFRRKVIYFRSQPALRILPGQCHIKVR
RKNIFEDAYQEIMRQTPEDLKKRLMIKFDGEEGLDYGGVSREFFFLLSHEMFNPFYCLFEYSAYDNYTIQINPNSGINPE
HLNYFKFIGRVVGLGVFHRRFLDAFFVGALYKMMLRKKVVLQDMEGVDAEVYNSLNWMLENSIDGVLDLTFSADDERFGE
VVTVDLKPDGRNIEVTDGNKKEYVELYTQWRIVDRVQEQFKAFMDGFNELIPEDLVTVFDERELELLIGGIAEIDIEDWK
KHTDYRGYQESDEVIQWFWKCVSEWDNEQRARLLQFTTGTSRIPVNGFKDLQGSDGPRRFTIEKAGEVQQLPKSHTCFNR
VDLPQYVDYDSMKQKLTLAVEETIGFGQE
;
A
2 'polypeptide(L)' SNAMQIFVKTLTGKTITLEVESSDTIDNVKSKIQDKEGIPPDQQRLIFAGKQLEDGRTLSDYNIQKESTLHLVLRLRGG D
#
# COMPACT_ATOMS: atom_id res chain seq x y z
N GLN A 5 0.96 -38.60 3.78
CA GLN A 5 1.02 -39.07 2.40
C GLN A 5 0.72 -40.55 2.27
N LEU A 6 -0.49 -40.86 1.82
CA LEU A 6 -0.89 -42.24 1.58
C LEU A 6 -0.21 -42.74 0.30
N GLY A 7 0.13 -44.03 0.29
CA GLY A 7 0.74 -44.64 -0.88
C GLY A 7 -0.25 -44.79 -2.01
N PRO A 8 0.06 -45.69 -2.95
CA PRO A 8 -0.82 -45.93 -4.10
C PRO A 8 -2.01 -46.79 -3.71
N LEU A 9 -3.06 -46.78 -4.53
CA LEU A 9 -4.19 -47.66 -4.34
C LEU A 9 -3.79 -49.07 -4.79
N PRO A 10 -4.27 -50.10 -4.07
CA PRO A 10 -3.99 -51.48 -4.47
C PRO A 10 -4.36 -51.71 -5.92
N SER A 11 -3.54 -52.46 -6.65
CA SER A 11 -3.80 -52.74 -8.06
C SER A 11 -5.24 -53.15 -8.30
N GLY A 12 -5.88 -52.51 -9.26
CA GLY A 12 -7.25 -52.83 -9.62
C GLY A 12 -8.28 -51.92 -8.98
N TRP A 13 -7.82 -51.06 -8.09
CA TRP A 13 -8.71 -50.13 -7.39
C TRP A 13 -8.85 -48.81 -8.15
N GLU A 14 -9.89 -48.06 -7.82
CA GLU A 14 -10.17 -46.79 -8.49
C GLU A 14 -11.00 -45.87 -7.60
N MET A 15 -10.74 -44.57 -7.70
CA MET A 15 -11.48 -43.57 -6.94
C MET A 15 -12.56 -42.92 -7.81
N ARG A 16 -13.71 -42.63 -7.21
CA ARG A 16 -14.79 -41.96 -7.91
C ARG A 16 -15.47 -40.92 -7.02
N LEU A 17 -16.29 -40.07 -7.65
CA LEU A 17 -16.95 -38.98 -6.93
C LEU A 17 -18.46 -39.13 -6.94
N THR A 18 -19.08 -38.81 -5.81
CA THR A 18 -20.53 -38.86 -5.69
C THR A 18 -21.18 -37.76 -6.52
N ASN A 19 -20.44 -36.68 -6.74
CA ASN A 19 -20.91 -35.58 -7.56
C ASN A 19 -19.86 -35.15 -8.58
N THR A 20 -20.30 -34.61 -9.70
CA THR A 20 -19.39 -34.15 -10.74
C THR A 20 -18.47 -33.05 -10.22
N ALA A 21 -17.17 -33.29 -10.32
CA ALA A 21 -16.18 -32.32 -9.83
C ALA A 21 -14.85 -32.48 -10.53
N ARG A 22 -14.08 -31.40 -10.56
CA ARG A 22 -12.75 -31.41 -11.16
C ARG A 22 -11.70 -31.30 -10.06
N VAL A 23 -10.64 -32.08 -10.16
CA VAL A 23 -9.63 -32.12 -9.11
C VAL A 23 -8.36 -31.37 -9.48
N TYR A 24 -7.92 -30.47 -8.60
CA TYR A 24 -6.66 -29.76 -8.78
C TYR A 24 -5.73 -30.06 -7.61
N PHE A 25 -4.50 -29.57 -7.70
CA PHE A 25 -3.47 -29.92 -6.72
C PHE A 25 -2.87 -28.70 -6.04
N VAL A 26 -2.71 -28.79 -4.73
CA VAL A 26 -2.17 -27.69 -3.93
C VAL A 26 -0.77 -28.00 -3.40
N ASP A 27 0.21 -27.22 -3.84
CA ASP A 27 1.57 -27.36 -3.38
C ASP A 27 1.82 -26.43 -2.20
N HIS A 28 1.79 -26.97 -0.99
CA HIS A 28 2.00 -26.17 0.20
C HIS A 28 3.45 -25.76 0.38
N ASN A 29 4.33 -26.33 -0.44
CA ASN A 29 5.74 -26.00 -0.39
C ASN A 29 6.01 -24.65 -1.03
N THR A 30 5.54 -24.47 -2.26
CA THR A 30 5.73 -23.23 -2.98
C THR A 30 4.50 -22.34 -2.92
N LYS A 31 3.47 -22.83 -2.22
CA LYS A 31 2.24 -22.06 -2.02
C LYS A 31 1.51 -21.79 -3.34
N THR A 32 1.41 -22.82 -4.17
CA THR A 32 0.72 -22.68 -5.46
C THR A 32 -0.26 -23.82 -5.71
N THR A 33 -1.16 -23.63 -6.66
CA THR A 33 -2.08 -24.68 -7.07
C THR A 33 -2.07 -24.82 -8.59
N THR A 34 -2.32 -26.04 -9.07
CA THR A 34 -2.29 -26.30 -10.50
C THR A 34 -3.33 -27.36 -10.89
N TRP A 35 -3.61 -27.44 -12.19
CA TRP A 35 -4.52 -28.45 -12.71
C TRP A 35 -3.77 -29.73 -13.03
N ASP A 36 -2.45 -29.62 -13.13
CA ASP A 36 -1.62 -30.75 -13.55
C ASP A 36 -1.09 -31.57 -12.38
N ASP A 37 -1.35 -32.88 -12.45
CA ASP A 37 -0.87 -33.82 -11.44
C ASP A 37 0.66 -33.87 -11.48
N PRO A 38 1.29 -33.59 -10.33
CA PRO A 38 2.76 -33.59 -10.25
C PRO A 38 3.35 -34.95 -10.60
N ARG A 39 2.54 -36.00 -10.54
CA ARG A 39 2.98 -37.35 -10.86
C ARG A 39 2.87 -37.61 -12.36
N LEU A 40 2.29 -36.66 -13.07
CA LEU A 40 2.12 -36.77 -14.52
C LEU A 40 3.00 -35.75 -15.25
N PRO A 41 3.47 -36.12 -16.45
CA PRO A 41 4.28 -35.21 -17.28
C PRO A 41 3.55 -33.90 -17.54
N SER A 42 4.24 -32.78 -17.37
CA SER A 42 3.64 -31.47 -17.57
C SER A 42 4.52 -30.59 -18.47
N SER A 43 4.01 -30.28 -19.65
CA SER A 43 4.74 -29.45 -20.61
C SER A 43 4.82 -28.00 -20.13
N LEU A 44 5.84 -27.29 -20.61
CA LEU A 44 6.04 -25.89 -20.23
C LEU A 44 5.00 -25.00 -20.89
N ASP A 45 4.69 -23.88 -20.25
CA ASP A 45 3.78 -22.90 -20.82
C ASP A 45 4.45 -22.21 -22.00
N GLN A 46 3.85 -22.33 -23.17
CA GLN A 46 4.38 -21.66 -24.36
C GLN A 46 3.79 -20.27 -24.48
N ASN A 47 4.55 -19.35 -25.06
CA ASN A 47 4.10 -17.96 -25.21
C ASN A 47 3.97 -17.25 -23.87
N VAL A 48 5.05 -17.29 -23.08
CA VAL A 48 5.06 -16.63 -21.79
C VAL A 48 6.17 -15.58 -21.70
N PRO A 49 5.88 -14.47 -21.02
CA PRO A 49 6.76 -13.30 -20.89
C PRO A 49 8.18 -13.67 -20.46
N GLN A 50 9.17 -13.23 -21.24
CA GLN A 50 10.56 -13.46 -20.90
C GLN A 50 10.93 -12.72 -19.61
N TYR A 51 10.15 -11.70 -19.29
CA TYR A 51 10.37 -10.91 -18.08
C TYR A 51 9.72 -11.58 -16.86
N LYS A 52 8.66 -12.34 -17.12
CA LYS A 52 8.00 -13.10 -16.05
C LYS A 52 8.65 -14.47 -15.89
N ARG A 53 9.25 -14.96 -16.97
CA ARG A 53 9.98 -16.23 -16.92
C ARG A 53 11.16 -16.11 -15.97
N ASP A 54 11.85 -14.98 -16.02
CA ASP A 54 13.00 -14.74 -15.17
C ASP A 54 12.60 -14.34 -13.75
N PHE A 55 11.54 -13.53 -13.65
CA PHE A 55 10.99 -13.18 -12.35
C PHE A 55 10.53 -14.45 -11.65
N ARG A 56 9.94 -15.35 -12.41
CA ARG A 56 9.53 -16.64 -11.92
C ARG A 56 10.74 -17.39 -11.38
N ARG A 57 11.83 -17.34 -12.14
CA ARG A 57 13.07 -17.99 -11.76
C ARG A 57 13.67 -17.35 -10.51
N LYS A 58 13.70 -16.03 -10.49
CA LYS A 58 14.31 -15.28 -9.39
C LYS A 58 13.59 -15.50 -8.07
N VAL A 59 12.26 -15.48 -8.10
CA VAL A 59 11.47 -15.67 -6.89
C VAL A 59 11.73 -17.04 -6.27
N ILE A 60 11.81 -18.06 -7.13
CA ILE A 60 12.11 -19.41 -6.67
C ILE A 60 13.43 -19.44 -5.91
N TYR A 61 14.46 -18.83 -6.51
CA TYR A 61 15.75 -18.73 -5.87
C TYR A 61 15.65 -17.94 -4.57
N PHE A 62 14.96 -16.81 -4.63
CA PHE A 62 14.78 -15.94 -3.48
C PHE A 62 14.16 -16.66 -2.29
N ARG A 63 12.90 -17.05 -2.44
CA ARG A 63 12.14 -17.62 -1.33
C ARG A 63 12.77 -18.88 -0.72
N SER A 64 13.47 -19.66 -1.52
CA SER A 64 14.09 -20.89 -1.03
C SER A 64 15.49 -20.62 -0.49
N GLN A 65 15.57 -19.71 0.48
CA GLN A 65 16.86 -19.36 1.09
C GLN A 65 16.80 -19.45 2.61
N PRO A 66 17.96 -19.63 3.25
CA PRO A 66 18.09 -19.78 4.70
C PRO A 66 17.34 -18.69 5.46
N ALA A 67 17.52 -17.43 5.07
CA ALA A 67 16.90 -16.31 5.77
C ALA A 67 15.43 -16.12 5.38
N LEU A 68 15.01 -16.85 4.35
CA LEU A 68 13.64 -16.72 3.85
C LEU A 68 12.82 -17.98 4.09
N ARG A 69 13.16 -18.69 5.16
CA ARG A 69 12.41 -19.87 5.58
C ARG A 69 11.75 -19.60 6.92
N ILE A 70 10.44 -19.83 7.00
CA ILE A 70 9.68 -19.56 8.21
C ILE A 70 10.15 -20.44 9.36
N LEU A 71 10.36 -19.82 10.53
CA LEU A 71 10.75 -20.54 11.73
C LEU A 71 9.51 -21.15 12.38
N PRO A 72 9.44 -22.49 12.41
CA PRO A 72 8.30 -23.20 12.99
C PRO A 72 7.81 -22.55 14.28
N GLY A 73 6.51 -22.33 14.37
CA GLY A 73 5.92 -21.65 15.51
C GLY A 73 4.81 -20.73 15.03
N GLN A 74 4.55 -19.65 15.77
CA GLN A 74 3.52 -18.69 15.36
C GLN A 74 3.61 -17.36 16.11
N CYS A 75 3.63 -16.28 15.34
CA CYS A 75 3.65 -14.92 15.90
C CYS A 75 2.24 -14.36 15.98
N HIS A 76 1.79 -14.08 17.19
CA HIS A 76 0.42 -13.61 17.42
C HIS A 76 0.30 -12.10 17.44
N ILE A 77 -0.62 -11.57 16.64
CA ILE A 77 -0.87 -10.13 16.58
C ILE A 77 -2.35 -9.86 16.86
N LYS A 78 -2.61 -9.01 17.83
CA LYS A 78 -3.99 -8.65 18.19
C LYS A 78 -4.20 -7.15 18.12
N VAL A 79 -5.09 -6.71 17.25
CA VAL A 79 -5.34 -5.29 17.04
C VAL A 79 -6.82 -4.99 16.84
N ARG A 80 -7.21 -3.76 17.15
CA ARG A 80 -8.58 -3.31 16.92
C ARG A 80 -8.69 -2.69 15.52
N ARG A 81 -9.70 -3.13 14.77
CA ARG A 81 -9.86 -2.69 13.39
C ARG A 81 -10.08 -1.19 13.26
N LYS A 82 -10.52 -0.56 14.35
CA LYS A 82 -10.79 0.88 14.33
C LYS A 82 -9.63 1.68 14.94
N ASN A 83 -8.50 1.01 15.15
CA ASN A 83 -7.31 1.67 15.67
C ASN A 83 -6.08 0.86 15.30
N ILE A 84 -6.08 0.34 14.07
CA ILE A 84 -5.07 -0.61 13.62
C ILE A 84 -3.67 -0.01 13.55
N PHE A 85 -3.58 1.30 13.39
CA PHE A 85 -2.28 1.96 13.23
C PHE A 85 -1.47 1.93 14.52
N GLU A 86 -2.06 2.44 15.60
CA GLU A 86 -1.39 2.46 16.90
C GLU A 86 -1.25 1.05 17.47
N ASP A 87 -2.29 0.24 17.30
CA ASP A 87 -2.28 -1.12 17.81
C ASP A 87 -1.19 -1.96 17.16
N ALA A 88 -1.06 -1.84 15.84
CA ALA A 88 -0.04 -2.58 15.10
C ALA A 88 1.35 -2.08 15.43
N TYR A 89 1.47 -0.78 15.70
CA TYR A 89 2.74 -0.18 16.05
C TYR A 89 3.31 -0.84 17.31
N GLN A 90 2.43 -1.08 18.28
CA GLN A 90 2.84 -1.73 19.51
C GLN A 90 3.15 -3.21 19.27
N GLU A 91 2.16 -3.94 18.77
CA GLU A 91 2.30 -5.37 18.53
C GLU A 91 3.55 -5.73 17.72
N ILE A 92 3.91 -4.88 16.77
CA ILE A 92 5.03 -5.16 15.89
C ILE A 92 6.37 -4.70 16.47
N MET A 93 6.41 -3.48 16.96
CA MET A 93 7.65 -2.92 17.49
C MET A 93 8.04 -3.55 18.83
N ARG A 94 7.13 -4.29 19.43
CA ARG A 94 7.43 -5.00 20.67
C ARG A 94 8.19 -6.29 20.38
N GLN A 95 7.76 -6.99 19.34
CA GLN A 95 8.36 -8.29 19.00
C GLN A 95 9.65 -8.13 18.21
N THR A 96 10.56 -9.08 18.40
CA THR A 96 11.84 -9.09 17.70
C THR A 96 11.68 -9.64 16.29
N PRO A 97 12.61 -9.29 15.39
CA PRO A 97 12.58 -9.73 14.00
C PRO A 97 12.46 -11.24 13.87
N GLU A 98 13.15 -11.99 14.73
CA GLU A 98 13.09 -13.45 14.67
C GLU A 98 11.69 -13.97 14.97
N ASP A 99 10.99 -13.27 15.86
CA ASP A 99 9.63 -13.64 16.22
C ASP A 99 8.67 -13.33 15.07
N LEU A 100 9.01 -12.31 14.29
CA LEU A 100 8.18 -11.91 13.16
C LEU A 100 8.39 -12.85 11.98
N LYS A 101 9.47 -13.62 12.03
CA LYS A 101 9.82 -14.52 10.93
C LYS A 101 9.05 -15.85 11.01
N LYS A 102 8.38 -16.08 12.14
CA LYS A 102 7.58 -17.30 12.27
C LYS A 102 6.11 -17.03 11.91
N ARG A 103 5.45 -18.07 11.41
CA ARG A 103 4.09 -17.95 10.86
C ARG A 103 3.23 -16.92 11.59
N LEU A 104 2.59 -16.06 10.81
CA LEU A 104 1.75 -14.99 11.36
C LEU A 104 0.39 -15.50 11.83
N MET A 105 -0.07 -14.96 12.96
CA MET A 105 -1.39 -15.26 13.48
C MET A 105 -2.10 -13.98 13.89
N ILE A 106 -2.70 -13.30 12.92
CA ILE A 106 -3.37 -12.02 13.17
C ILE A 106 -4.82 -12.21 13.58
N LYS A 107 -5.23 -11.49 14.63
CA LYS A 107 -6.61 -11.54 15.10
C LYS A 107 -7.08 -10.13 15.47
N PHE A 108 -8.34 -9.83 15.16
CA PHE A 108 -8.90 -8.51 15.44
C PHE A 108 -9.69 -8.49 16.73
N ASP A 109 -9.27 -7.63 17.65
CA ASP A 109 -9.94 -7.48 18.93
C ASP A 109 -11.24 -6.70 18.78
N GLY A 110 -12.28 -7.11 19.49
CA GLY A 110 -13.56 -6.45 19.43
C GLY A 110 -14.70 -7.38 19.07
N GLU A 111 -14.63 -7.95 17.88
CA GLU A 111 -15.67 -8.87 17.41
C GLU A 111 -15.19 -10.32 17.46
N GLU A 112 -13.90 -10.52 17.18
CA GLU A 112 -13.31 -11.85 17.19
C GLU A 112 -14.03 -12.78 16.23
N ARG A 121 -4.10 -10.92 5.59
CA ARG A 121 -3.89 -10.16 4.35
C ARG A 121 -4.81 -8.94 4.28
N GLU A 122 -5.97 -9.03 4.92
CA GLU A 122 -6.84 -7.87 5.02
C GLU A 122 -6.30 -6.94 6.08
N PHE A 123 -5.49 -7.50 6.98
CA PHE A 123 -4.80 -6.72 8.00
C PHE A 123 -3.73 -5.85 7.35
N PHE A 124 -3.00 -6.44 6.40
CA PHE A 124 -1.99 -5.71 5.64
C PHE A 124 -2.63 -4.64 4.76
N PHE A 125 -3.79 -4.96 4.21
CA PHE A 125 -4.51 -4.03 3.35
C PHE A 125 -4.99 -2.82 4.13
N LEU A 126 -5.55 -3.07 5.31
CA LEU A 126 -6.02 -1.99 6.17
C LEU A 126 -4.86 -1.15 6.69
N LEU A 127 -3.76 -1.82 7.04
CA LEU A 127 -2.60 -1.15 7.60
C LEU A 127 -1.93 -0.22 6.58
N SER A 128 -1.86 -0.67 5.33
CA SER A 128 -1.27 0.12 4.26
C SER A 128 -1.99 1.46 4.12
N HIS A 129 -3.31 1.41 4.14
CA HIS A 129 -4.14 2.60 3.99
C HIS A 129 -3.92 3.60 5.13
N GLU A 130 -3.34 3.12 6.23
CA GLU A 130 -3.10 3.97 7.39
C GLU A 130 -1.66 4.47 7.46
N MET A 131 -0.71 3.58 7.13
CA MET A 131 0.70 3.95 7.16
C MET A 131 1.02 5.02 6.13
N PHE A 132 0.32 4.97 5.00
CA PHE A 132 0.60 5.89 3.91
C PHE A 132 -0.46 6.98 3.79
N ASN A 133 -1.03 7.36 4.93
CA ASN A 133 -1.98 8.45 4.98
C ASN A 133 -1.25 9.77 5.20
N PRO A 134 -1.31 10.66 4.20
CA PRO A 134 -0.61 11.95 4.24
C PRO A 134 -0.87 12.73 5.53
N PHE A 135 -2.03 12.49 6.15
CA PHE A 135 -2.40 13.17 7.38
C PHE A 135 -1.35 13.00 8.48
N TYR A 136 -0.70 11.84 8.51
CA TYR A 136 0.29 11.54 9.54
C TYR A 136 1.63 12.19 9.27
N CYS A 137 1.79 12.73 8.06
CA CYS A 137 3.01 13.45 7.68
C CYS A 137 4.23 12.54 7.62
N LEU A 138 4.00 11.26 7.33
CA LEU A 138 5.08 10.31 7.12
C LEU A 138 5.37 10.19 5.64
N PHE A 139 4.33 9.88 4.87
CA PHE A 139 4.43 9.83 3.42
C PHE A 139 3.51 10.88 2.80
N GLU A 140 3.80 11.27 1.56
CA GLU A 140 2.98 12.25 0.87
C GLU A 140 2.79 11.84 -0.59
N TYR A 141 1.72 12.35 -1.21
CA TYR A 141 1.45 12.07 -2.61
C TYR A 141 2.41 12.83 -3.51
N SER A 142 2.59 12.34 -4.72
CA SER A 142 3.36 13.04 -5.73
C SER A 142 2.43 13.96 -6.50
N ALA A 143 2.59 15.26 -6.27
CA ALA A 143 1.71 16.27 -6.88
C ALA A 143 0.32 16.19 -6.26
N TYR A 144 -0.71 16.23 -7.10
CA TYR A 144 -2.08 16.17 -6.62
C TYR A 144 -3.03 15.74 -7.72
N ASP A 145 -2.98 14.45 -8.05
CA ASP A 145 -3.84 13.85 -9.07
C ASP A 145 -3.46 12.38 -9.16
N ASN A 146 -2.20 12.12 -9.50
CA ASN A 146 -1.62 10.80 -9.35
C ASN A 146 -1.18 10.65 -7.89
N TYR A 147 -1.64 9.58 -7.24
CA TYR A 147 -1.39 9.42 -5.82
C TYR A 147 -0.33 8.36 -5.49
N THR A 148 0.80 8.43 -6.19
CA THR A 148 1.96 7.63 -5.83
C THR A 148 2.66 8.31 -4.67
N ILE A 149 3.04 7.53 -3.67
CA ILE A 149 3.58 8.09 -2.44
C ILE A 149 5.10 8.16 -2.41
N GLN A 150 5.61 9.18 -1.73
CA GLN A 150 7.03 9.31 -1.45
C GLN A 150 7.15 9.78 -0.01
N ILE A 151 8.36 9.80 0.52
CA ILE A 151 8.56 10.18 1.92
C ILE A 151 8.44 11.68 2.12
N ASN A 152 7.69 12.07 3.14
CA ASN A 152 7.50 13.48 3.48
C ASN A 152 8.66 13.99 4.33
N PRO A 153 9.45 14.92 3.78
CA PRO A 153 10.62 15.50 4.46
C PRO A 153 10.25 16.22 5.76
N ASN A 154 8.98 16.62 5.89
CA ASN A 154 8.53 17.35 7.06
C ASN A 154 8.07 16.43 8.19
N SER A 155 8.46 15.16 8.11
CA SER A 155 8.05 14.17 9.08
C SER A 155 8.55 14.50 10.48
N GLY A 156 9.48 15.45 10.56
CA GLY A 156 10.08 15.84 11.83
C GLY A 156 9.11 16.44 12.83
N ILE A 157 7.92 16.80 12.36
CA ILE A 157 6.91 17.42 13.22
C ILE A 157 6.48 16.48 14.33
N ASN A 158 6.65 15.18 14.09
CA ASN A 158 6.37 14.17 15.10
C ASN A 158 7.63 13.42 15.48
N PRO A 159 8.21 13.73 16.65
CA PRO A 159 9.49 13.19 17.11
C PRO A 159 9.51 11.66 17.20
N GLU A 160 8.40 11.02 16.86
CA GLU A 160 8.29 9.57 16.96
C GLU A 160 8.53 8.90 15.60
N HIS A 161 8.46 9.70 14.54
CA HIS A 161 8.44 9.17 13.17
C HIS A 161 9.57 8.20 12.82
N LEU A 162 10.77 8.46 13.33
CA LEU A 162 11.92 7.61 13.02
C LEU A 162 11.66 6.16 13.40
N ASN A 163 10.86 5.96 14.43
CA ASN A 163 10.45 4.62 14.83
C ASN A 163 9.37 4.08 13.89
N TYR A 164 8.50 5.00 13.45
CA TYR A 164 7.39 4.63 12.58
C TYR A 164 7.88 4.27 11.18
N PHE A 165 9.01 4.82 10.77
CA PHE A 165 9.63 4.46 9.50
C PHE A 165 10.24 3.07 9.61
N LYS A 166 10.92 2.83 10.73
CA LYS A 166 11.47 1.52 11.03
C LYS A 166 10.35 0.50 11.08
N PHE A 167 9.18 0.95 11.56
CA PHE A 167 8.00 0.10 11.65
C PHE A 167 7.38 -0.14 10.26
N ILE A 168 7.22 0.93 9.50
CA ILE A 168 6.69 0.83 8.14
C ILE A 168 7.59 -0.04 7.29
N GLY A 169 8.89 0.04 7.54
CA GLY A 169 9.85 -0.81 6.87
C GLY A 169 9.64 -2.26 7.24
N ARG A 170 9.40 -2.50 8.53
CA ARG A 170 9.13 -3.84 9.03
C ARG A 170 7.92 -4.45 8.32
N VAL A 171 6.83 -3.70 8.28
CA VAL A 171 5.60 -4.18 7.65
C VAL A 171 5.81 -4.49 6.17
N VAL A 172 6.57 -3.64 5.50
CA VAL A 172 6.86 -3.83 4.08
C VAL A 172 7.66 -5.11 3.84
N GLY A 173 8.69 -5.32 4.66
CA GLY A 173 9.50 -6.51 4.55
C GLY A 173 8.75 -7.73 5.04
N LEU A 174 7.93 -7.55 6.06
CA LEU A 174 7.12 -8.63 6.62
C LEU A 174 6.12 -9.14 5.59
N GLY A 175 5.49 -8.20 4.88
CA GLY A 175 4.55 -8.55 3.83
C GLY A 175 5.22 -9.38 2.75
N VAL A 176 6.40 -8.93 2.31
CA VAL A 176 7.17 -9.66 1.32
C VAL A 176 7.55 -11.04 1.83
N PHE A 177 7.86 -11.11 3.13
CA PHE A 177 8.28 -12.36 3.76
C PHE A 177 7.18 -13.42 3.71
N HIS A 178 5.95 -13.00 3.95
CA HIS A 178 4.83 -13.93 4.05
C HIS A 178 3.83 -13.84 2.91
N ARG A 179 4.32 -13.63 1.69
CA ARG A 179 3.48 -13.63 0.49
C ARG A 179 2.38 -12.57 0.53
N ARG A 180 2.41 -11.70 1.53
CA ARG A 180 1.39 -10.66 1.68
C ARG A 180 1.72 -9.44 0.84
N PHE A 181 0.71 -8.91 0.14
CA PHE A 181 0.89 -7.74 -0.71
C PHE A 181 0.46 -6.46 0.00
N LEU A 182 1.16 -5.36 -0.28
CA LEU A 182 0.80 -4.06 0.27
C LEU A 182 0.13 -3.22 -0.80
N ASP A 183 -0.99 -2.59 -0.44
CA ASP A 183 -1.72 -1.74 -1.39
C ASP A 183 -1.18 -0.32 -1.37
N ALA A 184 0.00 -0.13 -1.96
CA ALA A 184 0.62 1.19 -2.01
C ALA A 184 1.46 1.32 -3.27
N PHE A 185 1.51 2.54 -3.81
CA PHE A 185 2.28 2.80 -5.03
C PHE A 185 3.46 3.72 -4.77
N PHE A 186 4.64 3.13 -4.57
CA PHE A 186 5.85 3.92 -4.37
C PHE A 186 6.30 4.53 -5.69
N VAL A 187 7.04 5.64 -5.60
CA VAL A 187 7.62 6.24 -6.78
C VAL A 187 8.73 5.35 -7.31
N GLY A 188 9.06 5.51 -8.58
CA GLY A 188 10.07 4.67 -9.22
C GLY A 188 11.40 4.68 -8.49
N ALA A 189 11.86 5.87 -8.11
CA ALA A 189 13.16 6.02 -7.47
C ALA A 189 13.24 5.26 -6.14
N LEU A 190 12.09 5.10 -5.48
CA LEU A 190 12.04 4.46 -4.18
C LEU A 190 12.36 2.98 -4.27
N TYR A 191 12.03 2.36 -5.39
CA TYR A 191 12.34 0.95 -5.60
C TYR A 191 13.83 0.76 -5.89
N LYS A 192 14.43 1.72 -6.56
CA LYS A 192 15.86 1.69 -6.85
C LYS A 192 16.66 1.92 -5.58
N MET A 193 16.16 2.80 -4.72
CA MET A 193 16.83 3.12 -3.47
C MET A 193 16.82 1.95 -2.50
N MET A 194 15.78 1.12 -2.58
CA MET A 194 15.69 -0.07 -1.75
C MET A 194 16.66 -1.14 -2.22
N LEU A 195 16.99 -1.11 -3.51
CA LEU A 195 17.99 -2.00 -4.08
C LEU A 195 19.36 -1.34 -3.98
N ARG A 196 19.41 -0.18 -3.34
CA ARG A 196 20.64 0.58 -3.16
C ARG A 196 21.31 0.88 -4.50
N LYS A 197 20.50 1.11 -5.54
CA LYS A 197 21.02 1.46 -6.86
C LYS A 197 21.28 2.96 -6.94
N LYS A 198 21.86 3.39 -8.06
CA LYS A 198 22.11 4.80 -8.30
C LYS A 198 20.89 5.45 -8.94
N VAL A 199 20.58 6.66 -8.51
CA VAL A 199 19.42 7.39 -9.03
C VAL A 199 19.86 8.55 -9.92
N VAL A 200 19.21 8.69 -11.07
CA VAL A 200 19.57 9.72 -12.02
C VAL A 200 18.40 10.66 -12.33
N LEU A 201 18.62 11.58 -13.27
CA LEU A 201 17.60 12.54 -13.66
C LEU A 201 16.33 11.86 -14.15
N GLN A 202 16.50 10.73 -14.82
CA GLN A 202 15.37 9.95 -15.34
C GLN A 202 14.37 9.65 -14.24
N ASP A 203 14.88 9.42 -13.02
CA ASP A 203 14.05 9.03 -11.90
C ASP A 203 13.32 10.20 -11.27
N MET A 204 13.81 11.41 -11.52
CA MET A 204 13.15 12.61 -11.03
C MET A 204 11.77 12.72 -11.64
N GLU A 205 11.58 12.08 -12.79
CA GLU A 205 10.31 12.07 -13.48
C GLU A 205 9.14 11.75 -12.55
N GLY A 206 9.17 10.54 -11.99
CA GLY A 206 8.10 10.07 -11.13
C GLY A 206 8.05 10.80 -9.79
N VAL A 207 9.21 11.13 -9.26
CA VAL A 207 9.29 11.79 -7.96
C VAL A 207 8.65 13.17 -7.99
N ASP A 208 9.13 14.01 -8.90
CA ASP A 208 8.61 15.36 -9.04
C ASP A 208 8.66 15.80 -10.50
N ALA A 209 7.50 15.93 -11.12
CA ALA A 209 7.41 16.26 -12.54
C ALA A 209 7.80 17.71 -12.82
N GLU A 210 7.44 18.61 -11.93
CA GLU A 210 7.74 20.03 -12.09
C GLU A 210 9.25 20.27 -12.10
N VAL A 211 9.94 19.66 -11.13
CA VAL A 211 11.39 19.79 -11.04
C VAL A 211 12.06 19.13 -12.24
N TYR A 212 11.51 18.00 -12.67
CA TYR A 212 12.03 17.27 -13.83
C TYR A 212 12.00 18.14 -15.06
N ASN A 213 10.83 18.73 -15.34
CA ASN A 213 10.67 19.60 -16.49
C ASN A 213 11.67 20.75 -16.51
N SER A 214 11.85 21.39 -15.36
CA SER A 214 12.73 22.55 -15.25
C SER A 214 14.20 22.18 -15.39
N LEU A 215 14.62 21.15 -14.65
CA LEU A 215 16.01 20.70 -14.68
C LEU A 215 16.40 20.21 -16.07
N ASN A 216 15.47 19.51 -16.73
CA ASN A 216 15.73 18.96 -18.05
C ASN A 216 15.86 20.08 -19.09
N TRP A 217 15.11 21.16 -18.88
CA TRP A 217 15.15 22.31 -19.78
C TRP A 217 16.49 23.02 -19.71
N MET A 218 17.05 23.08 -18.51
CA MET A 218 18.33 23.77 -18.29
C MET A 218 19.46 23.13 -19.08
N LEU A 219 19.41 21.81 -19.22
CA LEU A 219 20.47 21.07 -19.90
C LEU A 219 20.33 21.13 -21.42
N GLU A 220 19.20 21.68 -21.88
CA GLU A 220 18.94 21.76 -23.31
C GLU A 220 19.00 23.19 -23.84
N ASN A 221 19.08 24.15 -22.93
CA ASN A 221 19.12 25.56 -23.30
C ASN A 221 20.13 26.37 -22.49
N SER A 222 20.45 27.56 -22.97
CA SER A 222 21.32 28.47 -22.25
C SER A 222 20.55 29.16 -21.14
N ILE A 223 21.22 29.42 -20.01
CA ILE A 223 20.55 30.00 -18.86
C ILE A 223 21.14 31.34 -18.42
N ASP A 224 22.35 31.63 -18.88
CA ASP A 224 23.08 32.82 -18.46
C ASP A 224 22.19 34.05 -18.25
N GLY A 225 21.38 34.37 -19.25
CA GLY A 225 20.56 35.57 -19.22
C GLY A 225 19.13 35.37 -18.74
N VAL A 226 18.66 34.13 -18.79
CA VAL A 226 17.27 33.84 -18.46
C VAL A 226 17.06 33.42 -17.01
N LEU A 227 18.09 32.86 -16.40
CA LEU A 227 17.98 32.36 -15.03
C LEU A 227 19.00 32.98 -14.08
N ASP A 228 18.59 33.15 -12.83
CA ASP A 228 19.46 33.67 -11.78
C ASP A 228 19.42 32.77 -10.55
N LEU A 229 19.75 31.49 -10.77
CA LEU A 229 19.72 30.51 -9.71
C LEU A 229 21.01 30.49 -8.90
N THR A 230 20.92 30.04 -7.66
CA THR A 230 22.10 29.80 -6.84
C THR A 230 22.12 28.32 -6.46
N PHE A 231 23.24 27.87 -5.92
CA PHE A 231 23.37 26.47 -5.50
C PHE A 231 22.58 26.18 -4.23
N SER A 232 21.29 26.47 -4.26
CA SER A 232 20.42 26.24 -3.12
C SER A 232 19.08 25.64 -3.57
N ALA A 233 18.31 25.15 -2.60
CA ALA A 233 17.00 24.58 -2.89
C ALA A 233 16.04 24.89 -1.75
N ASP A 234 14.84 25.37 -2.12
CA ASP A 234 13.85 25.74 -1.11
C ASP A 234 12.62 24.83 -1.10
N ASP A 235 12.35 24.22 0.05
CA ASP A 235 11.17 23.41 0.24
C ASP A 235 10.27 24.08 1.26
N GLU A 236 8.97 24.12 0.98
CA GLU A 236 8.04 24.84 1.85
C GLU A 236 7.24 23.91 2.76
N ARG A 237 7.27 24.20 4.06
CA ARG A 237 6.54 23.40 5.04
C ARG A 237 5.55 24.25 5.83
N PHE A 238 4.30 23.81 5.87
CA PHE A 238 3.26 24.50 6.64
C PHE A 238 3.12 25.96 6.23
N GLY A 239 3.22 26.22 4.93
CA GLY A 239 3.08 27.57 4.41
C GLY A 239 4.31 28.43 4.67
N GLU A 240 5.43 27.78 4.92
CA GLU A 240 6.68 28.48 5.19
C GLU A 240 7.83 27.85 4.41
N VAL A 241 8.48 28.64 3.56
CA VAL A 241 9.58 28.16 2.73
C VAL A 241 10.89 28.10 3.50
N VAL A 242 11.57 26.97 3.42
CA VAL A 242 12.89 26.81 4.02
C VAL A 242 13.91 26.41 2.95
N THR A 243 14.98 27.18 2.86
CA THR A 243 16.00 26.96 1.83
C THR A 243 17.23 26.24 2.37
N VAL A 244 17.86 25.43 1.52
CA VAL A 244 19.02 24.65 1.92
C VAL A 244 20.13 24.77 0.88
N ASP A 245 21.37 24.80 1.35
CA ASP A 245 22.52 24.86 0.44
C ASP A 245 22.83 23.49 -0.15
N LEU A 246 23.01 23.44 -1.47
CA LEU A 246 23.42 22.21 -2.14
C LEU A 246 24.88 21.92 -1.84
N LYS A 247 25.68 22.97 -1.81
CA LYS A 247 27.08 22.87 -1.39
C LYS A 247 27.36 24.00 -0.40
N PRO A 248 28.47 23.89 0.36
CA PRO A 248 28.82 24.94 1.33
C PRO A 248 28.77 26.33 0.69
N ASP A 249 28.03 27.24 1.31
CA ASP A 249 27.87 28.59 0.79
C ASP A 249 27.17 28.56 -0.57
N GLY A 250 26.24 27.62 -0.72
CA GLY A 250 25.57 27.42 -1.99
C GLY A 250 24.66 28.56 -2.40
N ARG A 251 23.92 29.12 -1.46
CA ARG A 251 22.97 30.17 -1.75
C ARG A 251 23.66 31.47 -2.14
N ASN A 252 24.99 31.48 -2.08
CA ASN A 252 25.77 32.66 -2.42
C ASN A 252 26.59 32.46 -3.70
N ILE A 253 26.44 31.28 -4.31
CA ILE A 253 27.17 30.97 -5.53
C ILE A 253 26.24 30.95 -6.73
N GLU A 254 26.51 31.85 -7.68
CA GLU A 254 25.69 31.96 -8.88
C GLU A 254 25.80 30.72 -9.78
N VAL A 255 24.68 30.36 -10.39
CA VAL A 255 24.63 29.22 -11.30
C VAL A 255 24.75 29.67 -12.74
N THR A 256 25.78 29.20 -13.43
CA THR A 256 26.02 29.57 -14.81
C THR A 256 26.05 28.35 -15.71
N ASP A 257 26.13 28.58 -17.02
CA ASP A 257 26.20 27.49 -17.99
C ASP A 257 27.44 26.65 -17.77
N GLY A 258 28.41 27.20 -17.04
CA GLY A 258 29.64 26.50 -16.75
C GLY A 258 29.46 25.42 -15.69
N ASN A 259 28.69 25.74 -14.65
CA ASN A 259 28.46 24.81 -13.55
C ASN A 259 27.02 24.33 -13.47
N LYS A 260 26.26 24.53 -14.55
CA LYS A 260 24.85 24.12 -14.58
C LYS A 260 24.74 22.61 -14.45
N LYS A 261 25.65 21.90 -15.09
CA LYS A 261 25.66 20.43 -15.04
C LYS A 261 25.89 19.95 -13.63
N GLU A 262 26.70 20.70 -12.88
CA GLU A 262 26.98 20.39 -11.49
C GLU A 262 25.75 20.67 -10.64
N TYR A 263 25.05 21.76 -10.96
CA TYR A 263 23.84 22.13 -10.24
C TYR A 263 22.77 21.07 -10.39
N VAL A 264 22.57 20.60 -11.62
CA VAL A 264 21.56 19.57 -11.89
C VAL A 264 21.87 18.28 -11.15
N GLU A 265 23.13 17.87 -11.15
CA GLU A 265 23.55 16.68 -10.41
C GLU A 265 23.20 16.82 -8.93
N LEU A 266 23.54 17.96 -8.36
CA LEU A 266 23.33 18.20 -6.93
C LEU A 266 21.86 18.27 -6.54
N TYR A 267 21.07 18.96 -7.35
CA TYR A 267 19.66 19.16 -7.04
C TYR A 267 18.86 17.85 -7.04
N THR A 268 19.07 17.03 -8.05
CA THR A 268 18.35 15.77 -8.17
C THR A 268 18.64 14.85 -6.98
N GLN A 269 19.91 14.73 -6.62
CA GLN A 269 20.31 13.92 -5.48
C GLN A 269 19.66 14.42 -4.20
N TRP A 270 19.62 15.74 -4.03
CA TRP A 270 18.97 16.33 -2.88
C TRP A 270 17.48 16.00 -2.87
N ARG A 271 16.76 16.51 -3.87
CA ARG A 271 15.32 16.34 -3.96
C ARG A 271 14.86 14.90 -3.76
N ILE A 272 15.73 13.95 -4.11
CA ILE A 272 15.36 12.54 -4.03
C ILE A 272 15.87 11.83 -2.78
N VAL A 273 17.19 11.70 -2.67
CA VAL A 273 17.77 10.91 -1.58
C VAL A 273 18.21 11.73 -0.37
N ASP A 274 19.05 12.74 -0.59
CA ASP A 274 19.60 13.54 0.51
C ASP A 274 18.52 14.25 1.31
N ARG A 275 17.37 14.49 0.68
CA ARG A 275 16.29 15.24 1.29
C ARG A 275 15.58 14.43 2.38
N VAL A 276 15.73 13.12 2.31
CA VAL A 276 15.04 12.23 3.26
C VAL A 276 16.01 11.18 3.80
N GLN A 277 17.30 11.42 3.60
CA GLN A 277 18.34 10.50 4.05
C GLN A 277 18.06 9.89 5.42
N GLU A 278 17.62 10.70 6.36
CA GLU A 278 17.38 10.25 7.73
C GLU A 278 16.15 9.35 7.85
N GLN A 279 15.05 9.75 7.22
CA GLN A 279 13.81 8.98 7.30
C GLN A 279 13.94 7.66 6.54
N PHE A 280 14.56 7.71 5.37
CA PHE A 280 14.73 6.51 4.55
C PHE A 280 15.68 5.52 5.20
N LYS A 281 16.59 6.03 6.02
CA LYS A 281 17.51 5.17 6.75
C LYS A 281 16.76 4.33 7.78
N ALA A 282 15.90 4.98 8.55
CA ALA A 282 15.08 4.29 9.54
C ALA A 282 14.19 3.27 8.87
N PHE A 283 13.58 3.67 7.76
CA PHE A 283 12.71 2.78 6.99
C PHE A 283 13.48 1.60 6.43
N MET A 284 14.65 1.87 5.88
CA MET A 284 15.46 0.84 5.23
C MET A 284 16.00 -0.17 6.23
N ASP A 285 16.10 0.25 7.49
CA ASP A 285 16.57 -0.64 8.54
C ASP A 285 15.49 -1.68 8.87
N GLY A 286 14.28 -1.20 9.10
CA GLY A 286 13.16 -2.06 9.42
C GLY A 286 12.91 -3.10 8.34
N PHE A 287 13.11 -2.69 7.08
CA PHE A 287 12.90 -3.58 5.95
C PHE A 287 13.99 -4.65 5.87
N ASN A 288 15.21 -4.28 6.24
CA ASN A 288 16.34 -5.19 6.17
C ASN A 288 16.33 -6.24 7.28
N GLU A 289 15.67 -5.92 8.39
CA GLU A 289 15.57 -6.87 9.50
C GLU A 289 14.87 -8.15 9.05
N LEU A 290 14.04 -8.02 8.03
CA LEU A 290 13.27 -9.16 7.53
C LEU A 290 13.79 -9.61 6.17
N ILE A 291 14.13 -8.65 5.32
CA ILE A 291 14.64 -8.95 3.98
C ILE A 291 16.07 -8.43 3.82
N PRO A 292 17.06 -9.33 3.99
CA PRO A 292 18.48 -9.02 3.93
C PRO A 292 18.88 -8.28 2.66
N GLU A 293 19.69 -7.23 2.82
CA GLU A 293 20.12 -6.37 1.71
C GLU A 293 20.72 -7.17 0.56
N ASP A 294 21.52 -8.17 0.88
CA ASP A 294 22.29 -8.91 -0.12
C ASP A 294 21.47 -9.85 -0.99
N LEU A 295 20.21 -10.09 -0.61
CA LEU A 295 19.37 -11.00 -1.38
C LEU A 295 18.20 -10.30 -2.07
N VAL A 296 17.95 -9.05 -1.70
CA VAL A 296 16.91 -8.26 -2.35
C VAL A 296 17.40 -7.80 -3.71
N THR A 297 18.70 -7.51 -3.79
CA THR A 297 19.30 -6.95 -4.99
C THR A 297 19.30 -7.93 -6.17
N VAL A 298 18.73 -9.11 -5.96
CA VAL A 298 18.60 -10.09 -7.03
C VAL A 298 17.53 -9.63 -8.03
N PHE A 299 16.64 -8.77 -7.57
CA PHE A 299 15.58 -8.22 -8.41
C PHE A 299 15.90 -6.79 -8.81
N ASP A 300 15.32 -6.36 -9.93
CA ASP A 300 15.38 -4.96 -10.33
C ASP A 300 14.20 -4.22 -9.72
N GLU A 301 13.99 -2.98 -10.14
CA GLU A 301 12.91 -2.17 -9.59
C GLU A 301 11.53 -2.63 -10.04
N ARG A 302 11.44 -3.10 -11.28
CA ARG A 302 10.17 -3.58 -11.81
C ARG A 302 9.74 -4.88 -11.13
N GLU A 303 10.71 -5.76 -10.90
CA GLU A 303 10.44 -7.05 -10.27
C GLU A 303 10.17 -6.89 -8.78
N LEU A 304 10.86 -5.94 -8.15
CA LEU A 304 10.66 -5.66 -6.74
C LEU A 304 9.28 -5.08 -6.49
N GLU A 305 8.82 -4.25 -7.43
CA GLU A 305 7.51 -3.61 -7.32
C GLU A 305 6.39 -4.65 -7.26
N LEU A 306 6.52 -5.70 -8.07
CA LEU A 306 5.54 -6.78 -8.10
C LEU A 306 5.60 -7.61 -6.82
N LEU A 307 6.79 -7.73 -6.27
CA LEU A 307 7.02 -8.57 -5.10
C LEU A 307 6.45 -7.90 -3.84
N ILE A 308 6.15 -6.61 -3.95
CA ILE A 308 5.61 -5.86 -2.83
C ILE A 308 4.14 -5.52 -3.01
N GLY A 309 3.79 -5.03 -4.21
CA GLY A 309 2.44 -4.59 -4.50
C GLY A 309 1.60 -5.63 -5.21
N GLY A 310 2.25 -6.42 -6.07
CA GLY A 310 1.54 -7.43 -6.84
C GLY A 310 0.75 -6.83 -7.98
N ILE A 311 -0.26 -7.56 -8.45
CA ILE A 311 -1.07 -7.12 -9.57
C ILE A 311 -2.44 -6.63 -9.12
N ALA A 312 -2.84 -5.46 -9.61
CA ALA A 312 -4.15 -4.89 -9.29
C ALA A 312 -5.09 -5.02 -10.49
N GLU A 313 -4.58 -5.57 -11.58
CA GLU A 313 -5.37 -5.79 -12.79
C GLU A 313 -6.13 -7.11 -12.69
N ILE A 314 -7.45 -7.03 -12.59
CA ILE A 314 -8.27 -8.23 -12.46
C ILE A 314 -8.73 -8.77 -13.81
N ASP A 315 -8.43 -10.03 -14.07
CA ASP A 315 -8.84 -10.69 -15.31
C ASP A 315 -10.00 -11.65 -15.05
N ILE A 316 -11.08 -11.51 -15.81
CA ILE A 316 -12.28 -12.30 -15.59
C ILE A 316 -12.10 -13.79 -15.91
N GLU A 317 -11.43 -14.08 -17.02
CA GLU A 317 -11.22 -15.47 -17.43
C GLU A 317 -10.39 -16.22 -16.40
N ASP A 318 -9.28 -15.61 -15.97
CA ASP A 318 -8.43 -16.21 -14.95
C ASP A 318 -9.20 -16.36 -13.65
N TRP A 319 -9.97 -15.33 -13.31
CA TRP A 319 -10.78 -15.35 -12.10
C TRP A 319 -11.78 -16.50 -12.15
N LYS A 320 -12.55 -16.54 -13.23
CA LYS A 320 -13.60 -17.53 -13.40
C LYS A 320 -13.05 -18.96 -13.45
N LYS A 321 -11.96 -19.14 -14.18
CA LYS A 321 -11.36 -20.45 -14.37
C LYS A 321 -10.90 -21.09 -13.07
N HIS A 322 -10.43 -20.26 -12.14
CA HIS A 322 -9.88 -20.77 -10.89
C HIS A 322 -10.79 -20.50 -9.70
N THR A 323 -12.08 -20.78 -9.87
CA THR A 323 -13.05 -20.60 -8.79
C THR A 323 -13.69 -21.91 -8.38
N ASP A 324 -13.76 -22.14 -7.07
CA ASP A 324 -14.40 -23.33 -6.52
C ASP A 324 -15.87 -23.06 -6.21
N TYR A 325 -16.64 -24.13 -6.10
CA TYR A 325 -18.06 -24.02 -5.77
C TYR A 325 -18.46 -25.01 -4.69
N ARG A 326 -19.11 -24.51 -3.65
CA ARG A 326 -19.62 -25.37 -2.59
C ARG A 326 -21.14 -25.42 -2.64
N GLY A 327 -21.67 -26.45 -3.30
CA GLY A 327 -23.10 -26.63 -3.42
C GLY A 327 -23.64 -26.06 -4.72
N TYR A 328 -22.75 -25.45 -5.50
CA TYR A 328 -23.14 -24.85 -6.77
C TYR A 328 -22.53 -25.58 -7.96
N GLN A 329 -23.05 -25.26 -9.14
CA GLN A 329 -22.45 -25.69 -10.40
C GLN A 329 -22.16 -24.41 -11.18
N GLU A 330 -21.12 -24.44 -12.00
CA GLU A 330 -20.78 -23.25 -12.79
C GLU A 330 -21.92 -22.90 -13.73
N SER A 331 -22.74 -23.90 -14.07
CA SER A 331 -23.84 -23.70 -15.02
C SER A 331 -25.13 -23.25 -14.33
N ASP A 332 -25.09 -23.13 -13.00
CA ASP A 332 -26.25 -22.69 -12.24
C ASP A 332 -26.63 -21.26 -12.61
N GLU A 333 -27.93 -20.98 -12.60
CA GLU A 333 -28.43 -19.65 -12.90
C GLU A 333 -27.66 -18.57 -12.15
N VAL A 334 -27.70 -18.65 -10.83
CA VAL A 334 -27.09 -17.64 -9.98
C VAL A 334 -25.62 -17.42 -10.33
N ILE A 335 -24.92 -18.51 -10.65
CA ILE A 335 -23.51 -18.43 -11.01
C ILE A 335 -23.34 -17.78 -12.37
N GLN A 336 -24.22 -18.14 -13.30
CA GLN A 336 -24.20 -17.57 -14.65
C GLN A 336 -24.44 -16.07 -14.58
N TRP A 337 -25.37 -15.66 -13.73
CA TRP A 337 -25.64 -14.23 -13.53
C TRP A 337 -24.46 -13.57 -12.83
N PHE A 338 -23.88 -14.27 -11.88
CA PHE A 338 -22.76 -13.75 -11.10
C PHE A 338 -21.63 -13.27 -11.99
N TRP A 339 -21.28 -14.09 -12.99
CA TRP A 339 -20.19 -13.76 -13.89
C TRP A 339 -20.58 -12.72 -14.93
N LYS A 340 -21.87 -12.70 -15.27
CA LYS A 340 -22.39 -11.67 -16.17
C LYS A 340 -22.30 -10.32 -15.47
N CYS A 341 -22.71 -10.30 -14.21
CA CYS A 341 -22.64 -9.10 -13.39
C CYS A 341 -21.20 -8.64 -13.20
N VAL A 342 -20.31 -9.60 -12.97
CA VAL A 342 -18.90 -9.30 -12.75
C VAL A 342 -18.24 -8.75 -14.01
N SER A 343 -18.58 -9.33 -15.15
CA SER A 343 -18.01 -8.93 -16.43
C SER A 343 -18.35 -7.48 -16.75
N GLU A 344 -19.56 -7.07 -16.40
CA GLU A 344 -20.04 -5.73 -16.71
C GLU A 344 -19.41 -4.66 -15.83
N TRP A 345 -18.98 -5.05 -14.63
CA TRP A 345 -18.33 -4.10 -13.72
C TRP A 345 -16.95 -3.70 -14.24
N ASP A 346 -16.46 -2.55 -13.79
CA ASP A 346 -15.14 -2.08 -14.16
C ASP A 346 -14.08 -2.68 -13.24
N ASN A 347 -12.83 -2.25 -13.41
CA ASN A 347 -11.72 -2.81 -12.64
C ASN A 347 -11.77 -2.38 -11.17
N GLU A 348 -12.47 -1.29 -10.89
CA GLU A 348 -12.60 -0.81 -9.52
C GLU A 348 -13.68 -1.57 -8.78
N GLN A 349 -14.78 -1.83 -9.47
CA GLN A 349 -15.89 -2.59 -8.89
C GLN A 349 -15.49 -4.03 -8.63
N ARG A 350 -14.67 -4.60 -9.52
CA ARG A 350 -14.18 -5.95 -9.35
C ARG A 350 -13.21 -6.02 -8.17
N ALA A 351 -12.30 -5.07 -8.12
CA ALA A 351 -11.32 -5.00 -7.04
C ALA A 351 -12.02 -4.77 -5.70
N ARG A 352 -13.20 -4.17 -5.76
CA ARG A 352 -13.98 -3.91 -4.57
C ARG A 352 -14.64 -5.21 -4.11
N LEU A 353 -15.00 -6.05 -5.07
CA LEU A 353 -15.59 -7.36 -4.78
C LEU A 353 -14.54 -8.27 -4.16
N LEU A 354 -13.29 -8.14 -4.62
CA LEU A 354 -12.20 -8.91 -4.05
C LEU A 354 -11.93 -8.51 -2.61
N GLN A 355 -11.77 -7.21 -2.37
CA GLN A 355 -11.57 -6.70 -1.02
C GLN A 355 -12.60 -7.30 -0.08
N PHE A 356 -13.84 -7.40 -0.56
CA PHE A 356 -14.95 -7.91 0.22
C PHE A 356 -14.77 -9.38 0.58
N THR A 357 -14.28 -10.17 -0.37
CA THR A 357 -14.19 -11.62 -0.19
C THR A 357 -12.86 -12.10 0.39
N THR A 358 -11.77 -11.50 -0.07
CA THR A 358 -10.44 -11.93 0.37
C THR A 358 -9.81 -10.98 1.39
N GLY A 359 -10.20 -9.71 1.34
CA GLY A 359 -9.69 -8.72 2.25
C GLY A 359 -8.64 -7.81 1.63
N THR A 360 -8.19 -8.17 0.43
CA THR A 360 -7.21 -7.37 -0.29
C THR A 360 -7.63 -7.19 -1.74
N SER A 361 -7.03 -6.22 -2.41
CA SER A 361 -7.37 -5.93 -3.80
C SER A 361 -6.25 -6.36 -4.75
N ARG A 362 -5.22 -6.98 -4.19
CA ARG A 362 -4.05 -7.39 -4.97
C ARG A 362 -4.12 -8.86 -5.35
N ILE A 363 -3.50 -9.20 -6.48
CA ILE A 363 -3.51 -10.56 -6.99
C ILE A 363 -2.09 -11.02 -7.33
N PRO A 364 -1.74 -12.26 -6.94
CA PRO A 364 -0.44 -12.84 -7.27
C PRO A 364 -0.12 -12.71 -8.76
N VAL A 365 1.16 -12.59 -9.08
CA VAL A 365 1.60 -12.39 -10.46
C VAL A 365 1.17 -13.54 -11.37
N ASN A 366 1.19 -14.75 -10.83
CA ASN A 366 0.86 -15.94 -11.62
C ASN A 366 -0.63 -16.05 -11.94
N GLY A 367 -1.47 -15.46 -11.10
CA GLY A 367 -2.90 -15.45 -11.34
C GLY A 367 -3.74 -15.87 -10.15
N PHE A 368 -4.98 -16.26 -10.42
CA PHE A 368 -5.92 -16.66 -9.38
C PHE A 368 -5.66 -18.08 -8.87
N LYS A 369 -4.90 -18.86 -9.64
CA LYS A 369 -4.58 -20.22 -9.24
C LYS A 369 -3.73 -20.22 -7.98
N ASP A 370 -3.02 -19.12 -7.75
CA ASP A 370 -2.15 -19.01 -6.59
C ASP A 370 -2.69 -18.06 -5.55
N LEU A 371 -3.98 -17.74 -5.65
CA LEU A 371 -4.63 -16.88 -4.66
C LEU A 371 -4.36 -17.41 -3.26
N GLN A 372 -3.90 -16.54 -2.37
CA GLN A 372 -3.48 -16.96 -1.03
C GLN A 372 -4.58 -16.87 0.01
N GLY A 373 -4.71 -17.95 0.80
CA GLY A 373 -5.62 -17.96 1.93
C GLY A 373 -4.84 -17.82 3.22
N SER A 374 -5.53 -17.81 4.35
CA SER A 374 -4.89 -17.60 5.64
C SER A 374 -3.91 -18.73 6.00
N ASP A 375 -4.26 -19.95 5.61
CA ASP A 375 -3.44 -21.12 5.94
C ASP A 375 -2.69 -21.65 4.73
N GLY A 376 -2.72 -20.87 3.66
CA GLY A 376 -2.06 -21.27 2.42
C GLY A 376 -2.99 -21.06 1.23
N PRO A 377 -2.58 -21.56 0.06
CA PRO A 377 -3.32 -21.39 -1.19
C PRO A 377 -4.81 -21.69 -1.03
N ARG A 378 -5.64 -20.68 -1.25
CA ARG A 378 -7.09 -20.84 -1.19
C ARG A 378 -7.73 -20.20 -2.42
N ARG A 379 -8.24 -21.04 -3.32
CA ARG A 379 -8.89 -20.54 -4.53
C ARG A 379 -10.21 -19.84 -4.20
N PHE A 380 -10.53 -18.81 -4.98
CA PHE A 380 -11.80 -18.13 -4.84
C PHE A 380 -12.93 -19.14 -4.90
N THR A 381 -13.84 -19.09 -3.94
CA THR A 381 -14.92 -20.07 -3.87
C THR A 381 -16.26 -19.44 -3.55
N ILE A 382 -17.30 -19.94 -4.20
CA ILE A 382 -18.66 -19.44 -4.01
C ILE A 382 -19.53 -20.52 -3.39
N GLU A 383 -19.97 -20.29 -2.16
CA GLU A 383 -20.77 -21.28 -1.44
C GLU A 383 -22.27 -20.99 -1.52
N LYS A 384 -23.06 -22.05 -1.57
CA LYS A 384 -24.51 -21.93 -1.64
C LYS A 384 -25.11 -21.89 -0.24
N ALA A 385 -25.24 -20.69 0.31
CA ALA A 385 -25.77 -20.54 1.67
C ALA A 385 -26.44 -19.19 1.85
N GLY A 386 -27.39 -19.14 2.79
CA GLY A 386 -28.10 -17.91 3.08
C GLY A 386 -29.46 -17.87 2.40
N GLU A 387 -30.40 -17.17 3.02
CA GLU A 387 -31.75 -17.05 2.47
C GLU A 387 -31.81 -15.92 1.45
N VAL A 388 -32.73 -16.04 0.50
CA VAL A 388 -32.85 -15.08 -0.59
C VAL A 388 -33.11 -13.65 -0.13
N GLN A 389 -33.56 -13.51 1.11
CA GLN A 389 -33.85 -12.19 1.67
C GLN A 389 -32.57 -11.50 2.16
N GLN A 390 -31.58 -12.29 2.51
CA GLN A 390 -30.36 -11.77 3.12
C GLN A 390 -29.31 -11.34 2.10
N LEU A 391 -28.37 -10.52 2.56
CA LEU A 391 -27.24 -10.10 1.73
C LEU A 391 -26.19 -11.21 1.71
N PRO A 392 -25.33 -11.22 0.68
CA PRO A 392 -24.24 -12.19 0.62
C PRO A 392 -23.21 -11.93 1.71
N LYS A 393 -22.79 -12.99 2.39
CA LYS A 393 -21.75 -12.89 3.40
C LYS A 393 -20.44 -13.45 2.84
N SER A 394 -19.34 -13.20 3.54
CA SER A 394 -18.04 -13.66 3.07
C SER A 394 -17.14 -14.10 4.20
N HIS A 395 -16.44 -15.21 3.99
CA HIS A 395 -15.43 -15.68 4.93
C HIS A 395 -14.05 -15.38 4.34
N THR A 396 -13.58 -14.15 4.57
CA THR A 396 -12.28 -13.75 4.06
C THR A 396 -11.23 -14.83 4.28
N CYS A 397 -11.26 -15.42 5.47
CA CYS A 397 -10.29 -16.45 5.88
C CYS A 397 -10.12 -17.55 4.84
N PHE A 398 -11.16 -17.78 4.04
CA PHE A 398 -11.12 -18.86 3.05
C PHE A 398 -11.39 -18.39 1.63
N ASN A 399 -11.34 -17.07 1.41
CA ASN A 399 -11.61 -16.51 0.09
C ASN A 399 -12.96 -17.01 -0.42
N ARG A 400 -13.97 -17.00 0.44
CA ARG A 400 -15.26 -17.59 0.13
C ARG A 400 -16.40 -16.58 0.28
N VAL A 401 -17.40 -16.71 -0.59
CA VAL A 401 -18.57 -15.85 -0.52
C VAL A 401 -19.85 -16.68 -0.37
N ASP A 402 -20.55 -16.47 0.74
CA ASP A 402 -21.83 -17.13 0.96
C ASP A 402 -22.91 -16.46 0.11
N LEU A 403 -23.28 -17.12 -0.98
CA LEU A 403 -24.22 -16.56 -1.93
C LEU A 403 -25.57 -17.26 -1.87
N PRO A 404 -26.61 -16.57 -1.36
CA PRO A 404 -27.97 -17.09 -1.38
C PRO A 404 -28.41 -17.32 -2.82
N GLN A 405 -29.22 -18.34 -3.06
CA GLN A 405 -29.66 -18.67 -4.41
C GLN A 405 -30.79 -17.74 -4.87
N TYR A 406 -30.43 -16.54 -5.29
CA TYR A 406 -31.41 -15.58 -5.79
C TYR A 406 -32.04 -16.09 -7.07
N VAL A 407 -33.34 -15.82 -7.25
CA VAL A 407 -34.08 -16.36 -8.37
C VAL A 407 -34.20 -15.37 -9.53
N ASP A 408 -33.64 -14.17 -9.36
CA ASP A 408 -33.62 -13.20 -10.44
C ASP A 408 -32.33 -12.37 -10.44
N TYR A 409 -31.91 -11.95 -11.63
CA TYR A 409 -30.65 -11.24 -11.82
C TYR A 409 -30.60 -9.93 -11.04
N ASP A 410 -31.57 -9.06 -11.29
CA ASP A 410 -31.59 -7.73 -10.68
C ASP A 410 -31.38 -7.77 -9.17
N SER A 411 -32.13 -8.64 -8.49
CA SER A 411 -32.03 -8.75 -7.05
C SER A 411 -30.61 -9.13 -6.62
N MET A 412 -30.05 -10.13 -7.29
CA MET A 412 -28.69 -10.58 -7.00
C MET A 412 -27.70 -9.42 -7.14
N LYS A 413 -27.74 -8.76 -8.28
CA LYS A 413 -26.85 -7.64 -8.55
C LYS A 413 -26.99 -6.55 -7.51
N GLN A 414 -28.22 -6.36 -7.02
CA GLN A 414 -28.51 -5.31 -6.05
C GLN A 414 -28.00 -5.69 -4.66
N LYS A 415 -28.29 -6.92 -4.24
CA LYS A 415 -27.81 -7.42 -2.96
C LYS A 415 -26.29 -7.47 -2.94
N LEU A 416 -25.71 -7.80 -4.09
CA LEU A 416 -24.27 -7.95 -4.22
C LEU A 416 -23.57 -6.59 -4.10
N THR A 417 -24.08 -5.61 -4.85
CA THR A 417 -23.51 -4.27 -4.85
C THR A 417 -23.66 -3.63 -3.47
N LEU A 418 -24.69 -4.03 -2.74
CA LEU A 418 -24.96 -3.49 -1.43
C LEU A 418 -23.97 -4.02 -0.39
N ALA A 419 -23.77 -5.34 -0.39
CA ALA A 419 -22.88 -5.98 0.57
C ALA A 419 -21.44 -5.46 0.45
N VAL A 420 -20.99 -5.27 -0.78
CA VAL A 420 -19.64 -4.78 -1.02
C VAL A 420 -19.52 -3.30 -0.68
N GLU A 421 -20.68 -2.64 -0.55
CA GLU A 421 -20.72 -1.24 -0.16
C GLU A 421 -20.80 -1.12 1.36
N GLU A 422 -21.56 -2.02 1.97
CA GLU A 422 -21.71 -2.05 3.42
C GLU A 422 -20.36 -2.21 4.11
N THR A 423 -19.50 -3.03 3.51
CA THR A 423 -18.19 -3.30 4.08
C THR A 423 -17.17 -2.24 3.71
N ILE A 424 -17.52 -1.40 2.74
CA ILE A 424 -16.63 -0.35 2.27
C ILE A 424 -15.26 -0.91 1.88
N MET B 4 -14.87 35.94 11.60
CA MET B 4 -14.57 35.88 10.17
C MET B 4 -14.57 34.43 9.66
N GLN B 5 -13.94 34.23 8.51
CA GLN B 5 -13.85 32.91 7.91
C GLN B 5 -12.40 32.54 7.63
N ILE B 6 -11.98 31.39 8.12
CA ILE B 6 -10.60 30.94 7.94
C ILE B 6 -10.50 29.67 7.10
N PHE B 7 -9.30 29.35 6.68
CA PHE B 7 -9.05 28.16 5.86
C PHE B 7 -8.06 27.21 6.55
N VAL B 8 -8.32 25.92 6.44
CA VAL B 8 -7.44 24.91 7.02
C VAL B 8 -7.03 23.90 5.96
N LYS B 9 -5.73 23.86 5.66
CA LYS B 9 -5.23 22.97 4.62
C LYS B 9 -4.72 21.65 5.20
N THR B 10 -5.08 20.55 4.53
CA THR B 10 -4.62 19.23 4.93
C THR B 10 -3.45 18.79 4.06
N LEU B 11 -2.74 17.76 4.50
CA LEU B 11 -1.55 17.28 3.79
C LEU B 11 -1.90 16.46 2.55
N THR B 12 -3.19 16.34 2.28
CA THR B 12 -3.64 15.65 1.07
C THR B 12 -3.85 16.63 -0.08
N GLY B 13 -3.71 17.92 0.23
CA GLY B 13 -3.88 18.97 -0.75
C GLY B 13 -5.25 19.62 -0.70
N LYS B 14 -6.10 19.13 0.20
CA LYS B 14 -7.45 19.66 0.34
C LYS B 14 -7.54 20.70 1.45
N THR B 15 -8.45 21.65 1.28
CA THR B 15 -8.64 22.72 2.25
C THR B 15 -10.10 22.84 2.65
N ILE B 16 -10.35 23.03 3.95
CA ILE B 16 -11.71 23.17 4.45
C ILE B 16 -11.97 24.56 5.03
N THR B 17 -13.13 25.11 4.70
CA THR B 17 -13.53 26.43 5.20
C THR B 17 -14.11 26.33 6.61
N LEU B 18 -13.69 27.23 7.48
CA LEU B 18 -14.13 27.22 8.87
C LEU B 18 -14.50 28.62 9.34
N GLU B 19 -15.60 28.73 10.08
CA GLU B 19 -16.09 30.03 10.54
C GLU B 19 -15.75 30.26 12.01
N VAL B 20 -14.92 31.26 12.27
CA VAL B 20 -14.51 31.60 13.64
C VAL B 20 -14.19 33.08 13.79
N GLU B 21 -14.48 33.62 14.97
CA GLU B 21 -14.14 35.00 15.29
C GLU B 21 -12.73 35.06 15.87
N SER B 22 -12.12 36.24 15.80
CA SER B 22 -10.74 36.40 16.25
C SER B 22 -10.60 36.43 17.77
N SER B 23 -11.49 35.72 18.45
CA SER B 23 -11.42 35.62 19.91
C SER B 23 -11.67 34.18 20.37
N ASP B 24 -11.93 33.29 19.41
CA ASP B 24 -12.21 31.90 19.71
C ASP B 24 -10.93 31.17 20.11
N THR B 25 -11.07 30.18 20.98
CA THR B 25 -9.93 29.38 21.43
C THR B 25 -9.53 28.36 20.38
N ILE B 26 -8.31 27.84 20.50
CA ILE B 26 -7.79 26.88 19.53
C ILE B 26 -8.52 25.53 19.62
N ASP B 27 -8.85 25.12 20.83
CA ASP B 27 -9.57 23.86 21.03
C ASP B 27 -10.98 23.96 20.43
N ASN B 28 -11.49 25.18 20.34
CA ASN B 28 -12.79 25.41 19.71
C ASN B 28 -12.69 25.24 18.21
N VAL B 29 -11.54 25.59 17.66
CA VAL B 29 -11.28 25.44 16.23
C VAL B 29 -11.14 23.97 15.88
N LYS B 30 -10.47 23.22 16.75
CA LYS B 30 -10.26 21.80 16.54
C LYS B 30 -11.57 21.02 16.61
N SER B 31 -12.44 21.44 17.52
CA SER B 31 -13.74 20.79 17.68
C SER B 31 -14.64 21.08 16.49
N LYS B 32 -14.40 22.19 15.81
CA LYS B 32 -15.14 22.53 14.60
C LYS B 32 -14.61 21.71 13.44
N ILE B 33 -13.35 21.33 13.52
CA ILE B 33 -12.73 20.48 12.51
C ILE B 33 -13.26 19.06 12.62
N GLN B 34 -13.32 18.56 13.86
CA GLN B 34 -13.86 17.23 14.12
C GLN B 34 -15.34 17.19 13.77
N ASP B 35 -15.98 18.35 13.84
CA ASP B 35 -17.41 18.45 13.59
C ASP B 35 -17.76 18.07 12.15
N LYS B 36 -16.77 18.13 11.26
CA LYS B 36 -17.00 17.83 9.85
C LYS B 36 -15.94 16.90 9.27
N GLU B 37 -14.93 16.57 10.07
CA GLU B 37 -13.86 15.69 9.61
C GLU B 37 -13.71 14.46 10.50
N GLY B 38 -14.33 14.51 11.68
CA GLY B 38 -14.31 13.40 12.61
C GLY B 38 -12.92 13.05 13.10
N ILE B 39 -12.13 14.07 13.41
CA ILE B 39 -10.78 13.87 13.92
C ILE B 39 -10.65 14.42 15.34
N PRO B 40 -10.32 13.56 16.30
CA PRO B 40 -10.21 13.95 17.71
C PRO B 40 -9.29 15.15 17.89
N PRO B 41 -9.78 16.20 18.57
CA PRO B 41 -8.98 17.40 18.86
C PRO B 41 -7.68 17.03 19.55
N ASP B 42 -7.62 15.81 20.08
CA ASP B 42 -6.41 15.31 20.75
C ASP B 42 -5.29 15.07 19.75
N GLN B 43 -5.63 14.46 18.62
CA GLN B 43 -4.65 14.12 17.59
C GLN B 43 -4.29 15.29 16.69
N GLN B 44 -5.00 16.41 16.85
CA GLN B 44 -4.84 17.54 15.95
C GLN B 44 -3.63 18.42 16.26
N ARG B 45 -2.89 18.75 15.21
CA ARG B 45 -1.80 19.72 15.29
C ARG B 45 -2.10 20.87 14.34
N LEU B 46 -2.35 22.06 14.89
CA LEU B 46 -2.63 23.23 14.08
C LEU B 46 -1.40 24.13 13.94
N ILE B 47 -0.95 24.30 12.69
CA ILE B 47 0.25 25.08 12.42
C ILE B 47 -0.10 26.36 11.68
N PHE B 48 0.37 27.49 12.20
CA PHE B 48 0.12 28.77 11.56
C PHE B 48 1.44 29.51 11.29
N ALA B 49 1.75 29.69 10.02
CA ALA B 49 2.99 30.38 9.63
C ALA B 49 4.23 29.64 10.14
N GLY B 50 4.16 28.31 10.13
CA GLY B 50 5.28 27.48 10.54
C GLY B 50 5.45 27.40 12.04
N LYS B 51 4.36 27.62 12.77
CA LYS B 51 4.38 27.55 14.23
C LYS B 51 3.15 26.83 14.78
N GLN B 52 3.38 25.87 15.66
CA GLN B 52 2.29 25.10 16.26
C GLN B 52 1.57 25.92 17.31
N LEU B 53 0.25 25.82 17.33
CA LEU B 53 -0.57 26.61 18.23
C LEU B 53 -0.86 25.89 19.54
N GLU B 54 -1.32 26.65 20.54
CA GLU B 54 -1.63 26.10 21.85
C GLU B 54 -3.12 26.16 22.12
N ASP B 55 -3.69 25.07 22.62
CA ASP B 55 -5.13 24.98 22.87
C ASP B 55 -5.67 26.13 23.72
N GLY B 56 -4.99 26.42 24.82
CA GLY B 56 -5.45 27.43 25.76
C GLY B 56 -5.55 28.84 25.18
N ARG B 57 -4.69 29.14 24.21
CA ARG B 57 -4.64 30.47 23.63
C ARG B 57 -5.80 30.71 22.66
N THR B 58 -5.91 31.94 22.18
CA THR B 58 -6.94 32.31 21.23
C THR B 58 -6.35 32.72 19.89
N LEU B 59 -7.20 33.17 18.98
CA LEU B 59 -6.76 33.59 17.65
C LEU B 59 -6.16 34.99 17.68
N SER B 60 -6.45 35.73 18.75
CA SER B 60 -5.95 37.09 18.88
C SER B 60 -4.47 37.10 19.27
N ASP B 61 -4.03 36.04 19.93
CA ASP B 61 -2.65 35.92 20.36
C ASP B 61 -1.70 35.80 19.18
N TYR B 62 -2.19 35.18 18.10
CA TYR B 62 -1.39 34.98 16.91
C TYR B 62 -1.85 35.89 15.78
N ASN B 63 -2.53 36.98 16.14
CA ASN B 63 -3.04 37.95 15.18
C ASN B 63 -3.54 37.33 13.87
N ILE B 64 -4.33 36.26 14.00
CA ILE B 64 -4.86 35.55 12.83
C ILE B 64 -6.06 36.29 12.24
N GLN B 65 -5.89 36.80 11.03
CA GLN B 65 -6.97 37.51 10.35
C GLN B 65 -7.81 36.57 9.50
N LYS B 66 -8.61 37.14 8.60
CA LYS B 66 -9.48 36.35 7.74
C LYS B 66 -8.72 35.76 6.56
N GLU B 67 -9.25 34.66 6.03
CA GLU B 67 -8.62 33.94 4.92
C GLU B 67 -7.22 33.44 5.29
N SER B 68 -6.95 33.35 6.58
CA SER B 68 -5.66 32.83 7.04
C SER B 68 -5.64 31.31 6.95
N THR B 69 -4.59 30.76 6.34
CA THR B 69 -4.48 29.33 6.13
C THR B 69 -3.71 28.64 7.25
N LEU B 70 -4.39 27.76 7.97
CA LEU B 70 -3.75 26.94 8.99
C LEU B 70 -3.51 25.53 8.47
N HIS B 71 -2.42 24.90 8.92
CA HIS B 71 -2.05 23.58 8.42
C HIS B 71 -2.24 22.50 9.48
N LEU B 72 -3.06 21.51 9.16
CA LEU B 72 -3.40 20.44 10.09
C LEU B 72 -2.52 19.21 9.91
N VAL B 73 -1.98 18.72 11.02
CA VAL B 73 -1.15 17.52 11.01
C VAL B 73 -1.57 16.61 12.16
N LEU B 74 -1.47 15.30 11.96
CA LEU B 74 -1.84 14.34 12.98
C LEU B 74 -0.66 13.94 13.87
N ARG B 75 -0.92 13.76 15.16
CA ARG B 75 0.09 13.29 16.08
C ARG B 75 0.29 11.79 15.90
N LEU B 76 1.11 11.18 16.75
CA LEU B 76 1.36 9.75 16.67
C LEU B 76 1.07 9.05 17.99
N ARG B 77 2.06 9.04 18.88
CA ARG B 77 1.91 8.37 20.17
C ARG B 77 2.84 8.99 21.23
#